data_4XT3
#
_entry.id   4XT3
#
_cell.length_a   59.900
_cell.length_b   192.700
_cell.length_c   94.400
_cell.angle_alpha   90.00
_cell.angle_beta   90.00
_cell.angle_gamma   90.00
#
_symmetry.space_group_name_H-M   'C 2 2 21'
#
loop_
_entity.id
_entity.type
_entity.pdbx_description
1 polymer 'G-protein coupled receptor homolog US28'
2 polymer Fractalkine
3 branched 2-acetamido-2-deoxy-beta-D-glucopyranose-(1-4)-2-acetamido-2-deoxy-beta-D-glucopyranose-(1-4)-2-acetamido-2-deoxy-beta-D-glucopyranose
4 non-polymer 'UNKNOWN LIGAND'
5 non-polymer 'PHOSPHATE ION'
#
loop_
_entity_poly.entity_id
_entity_poly.type
_entity_poly.pdbx_seq_one_letter_code
_entity_poly.pdbx_strand_id
1 'polypeptide(L)'
;DYKDDDDAMTPTTTTAELTTEFDYDEDATPCVFTDVLNQSKPVTLFLYGVVFLFGSIGNFLVIFTITWRRRIQCSGDVYF
INLAAADLLFVCTLPLWMQYLLDHNSLASVPCTLLTACFYVAMFASLCFITEIALDRYYAIVYMRYRPVKQACLFSIFWW
IFAVIIAIPHFMVVTKKDNQCMTDYDYLEVSYPIILNVELMLGAFVIPLSVISYCYYRISRIVAVSQSRHKGRIVRVLIA
VVLVFIIFWLPYHLTLFVDTLKLLKWISSSCEFERSLKRALILTESLAFCHCCLNPLLYVFVGTKFRQELHCLLAEFRQR
LFSRDVSWYHSMSFSRRSSPSRRETSSDTLSDEVCRVSQIIP
;
A
2 'polypeptide(L)'
;(PCA)HHGVTKCNITCSKMTSKIPVALLIHYQQNQASCGKRAIILETRQHRLFCADPKEQWVKDAMQHLDRQAAALTRNG
GSGSGSAAALEVLFQ
;
B
#
loop_
_chem_comp.id
_chem_comp.type
_chem_comp.name
_chem_comp.formula
NAG D-saccharide, beta linking 2-acetamido-2-deoxy-beta-D-glucopyranose 'C8 H15 N O6'
PO4 non-polymer 'PHOSPHATE ION' 'O4 P -3'
UNL non-polymer 'UNKNOWN LIGAND' ?
#
# COMPACT_ATOMS: atom_id res chain seq x y z
N GLU A 26 -1.56 35.11 12.78
CA GLU A 26 -0.10 35.08 12.88
C GLU A 26 0.50 34.26 11.74
N ASP A 27 0.87 33.03 12.05
CA ASP A 27 1.47 32.14 11.07
C ASP A 27 0.83 30.76 11.13
N ALA A 28 -0.28 30.65 11.84
CA ALA A 28 -1.02 29.40 11.95
C ALA A 28 -1.88 29.16 10.70
N THR A 29 -1.51 29.82 9.61
CA THR A 29 -2.19 29.68 8.33
C THR A 29 -2.23 28.23 7.89
N PRO A 30 -3.45 27.71 7.64
CA PRO A 30 -3.65 26.32 7.22
C PRO A 30 -3.02 26.02 5.87
N CYS A 31 -2.45 24.83 5.74
CA CYS A 31 -1.89 24.40 4.47
C CYS A 31 -2.91 23.58 3.70
N VAL A 32 -3.56 24.21 2.72
CA VAL A 32 -4.66 23.59 1.98
C VAL A 32 -4.15 22.57 0.96
N PHE A 33 -4.91 21.49 0.80
CA PHE A 33 -4.51 20.39 -0.09
C PHE A 33 -5.58 20.03 -1.11
N THR A 34 -6.60 20.86 -1.25
CA THR A 34 -7.77 20.51 -2.05
C THR A 34 -7.48 20.28 -3.53
N ASP A 35 -6.65 21.15 -4.11
CA ASP A 35 -6.35 21.06 -5.54
C ASP A 35 -5.59 19.78 -5.87
N VAL A 36 -4.67 19.41 -4.99
CA VAL A 36 -3.87 18.20 -5.17
C VAL A 36 -4.76 16.96 -5.21
N LEU A 37 -5.71 16.91 -4.29
CA LEU A 37 -6.65 15.80 -4.23
C LEU A 37 -7.55 15.77 -5.45
N ASN A 38 -8.07 16.94 -5.82
CA ASN A 38 -8.95 17.04 -6.99
C ASN A 38 -8.25 16.66 -8.29
N GLN A 39 -6.95 16.89 -8.34
CA GLN A 39 -6.17 16.56 -9.54
C GLN A 39 -5.71 15.10 -9.53
N SER A 40 -5.51 14.55 -8.33
CA SER A 40 -5.04 13.18 -8.20
C SER A 40 -6.17 12.17 -8.34
N LYS A 41 -7.40 12.62 -8.06
CA LYS A 41 -8.57 11.75 -8.11
C LYS A 41 -8.79 11.03 -9.45
N PRO A 42 -8.79 11.77 -10.58
CA PRO A 42 -9.05 11.07 -11.86
C PRO A 42 -8.00 10.02 -12.19
N VAL A 43 -6.73 10.38 -12.01
CA VAL A 43 -5.62 9.47 -12.26
C VAL A 43 -5.73 8.21 -11.41
N THR A 44 -5.97 8.42 -10.12
CA THR A 44 -6.09 7.31 -9.17
C THR A 44 -7.25 6.38 -9.54
N LEU A 45 -8.38 6.99 -9.90
CA LEU A 45 -9.54 6.21 -10.34
C LEU A 45 -9.20 5.36 -11.56
N PHE A 46 -8.60 6.00 -12.57
CA PHE A 46 -8.23 5.31 -13.80
C PHE A 46 -7.30 4.14 -13.54
N LEU A 47 -6.22 4.40 -12.80
CA LEU A 47 -5.25 3.36 -12.48
C LEU A 47 -5.87 2.21 -11.71
N TYR A 48 -6.73 2.54 -10.75
CA TYR A 48 -7.45 1.52 -10.00
C TYR A 48 -8.28 0.66 -10.93
N GLY A 49 -8.90 1.29 -11.91
CA GLY A 49 -9.69 0.57 -12.90
C GLY A 49 -8.83 -0.40 -13.70
N VAL A 50 -7.68 0.08 -14.16
CA VAL A 50 -6.72 -0.74 -14.89
C VAL A 50 -6.30 -1.96 -14.09
N VAL A 51 -5.85 -1.70 -12.86
CA VAL A 51 -5.36 -2.73 -11.97
C VAL A 51 -6.46 -3.76 -11.66
N PHE A 52 -7.68 -3.30 -11.48
CA PHE A 52 -8.79 -4.21 -11.22
C PHE A 52 -9.02 -5.10 -12.45
N LEU A 53 -9.03 -4.47 -13.61
CA LEU A 53 -9.21 -5.16 -14.86
C LEU A 53 -8.19 -6.30 -15.04
N PHE A 54 -6.96 -5.91 -15.35
CA PHE A 54 -5.92 -6.90 -15.65
C PHE A 54 -5.63 -7.81 -14.46
N GLY A 55 -5.80 -7.28 -13.25
CA GLY A 55 -5.55 -8.04 -12.05
C GLY A 55 -6.53 -9.19 -11.88
N SER A 56 -7.82 -8.84 -11.83
CA SER A 56 -8.87 -9.85 -11.68
C SER A 56 -8.79 -10.86 -12.81
N ILE A 57 -8.74 -10.36 -14.05
CA ILE A 57 -8.65 -11.24 -15.21
C ILE A 57 -7.47 -12.20 -15.11
N GLY A 58 -6.28 -11.64 -15.01
CA GLY A 58 -5.05 -12.41 -14.99
C GLY A 58 -4.96 -13.43 -13.87
N ASN A 59 -5.32 -13.01 -12.66
CA ASN A 59 -5.17 -13.88 -11.51
C ASN A 59 -6.23 -14.96 -11.43
N PHE A 60 -7.47 -14.62 -11.79
CA PHE A 60 -8.49 -15.65 -11.87
C PHE A 60 -8.08 -16.65 -12.94
N LEU A 61 -7.47 -16.14 -14.01
CA LEU A 61 -6.94 -17.01 -15.07
C LEU A 61 -5.87 -17.94 -14.52
N VAL A 62 -5.05 -17.43 -13.61
CA VAL A 62 -4.03 -18.25 -12.97
C VAL A 62 -4.69 -19.40 -12.23
N ILE A 63 -5.65 -19.07 -11.37
CA ILE A 63 -6.32 -20.08 -10.56
C ILE A 63 -7.02 -21.14 -11.42
N PHE A 64 -7.73 -20.69 -12.45
CA PHE A 64 -8.42 -21.59 -13.36
C PHE A 64 -7.43 -22.52 -14.05
N THR A 65 -6.43 -21.93 -14.71
CA THR A 65 -5.39 -22.66 -15.41
C THR A 65 -4.80 -23.77 -14.55
N ILE A 66 -4.36 -23.40 -13.35
CA ILE A 66 -3.77 -24.38 -12.45
C ILE A 66 -4.79 -25.45 -12.05
N THR A 67 -5.88 -25.01 -11.41
CA THR A 67 -6.85 -25.95 -10.85
C THR A 67 -7.36 -26.96 -11.88
N TRP A 68 -7.52 -26.59 -13.15
CA TRP A 68 -8.06 -27.56 -14.08
C TRP A 68 -7.03 -28.19 -15.02
N ARG A 69 -6.15 -27.39 -15.59
CA ARG A 69 -5.19 -27.90 -16.57
C ARG A 69 -4.15 -28.81 -15.89
N ARG A 70 -3.83 -28.50 -14.64
CA ARG A 70 -2.87 -29.30 -13.89
C ARG A 70 -3.07 -29.15 -12.39
N ARG A 71 -3.82 -30.07 -11.80
CA ARG A 71 -3.97 -30.13 -10.35
C ARG A 71 -2.58 -30.11 -9.72
N ILE A 72 -2.46 -29.41 -8.59
CA ILE A 72 -1.15 -29.13 -7.97
C ILE A 72 -0.17 -30.31 -7.99
N GLN A 73 0.89 -30.15 -8.78
CA GLN A 73 1.88 -31.21 -8.97
C GLN A 73 3.15 -30.94 -8.16
N CYS A 74 3.33 -29.68 -7.76
CA CYS A 74 4.47 -29.30 -6.95
C CYS A 74 4.10 -28.13 -6.04
N SER A 75 4.99 -27.84 -5.09
CA SER A 75 4.77 -26.75 -4.13
C SER A 75 4.60 -25.40 -4.83
N GLY A 76 5.32 -25.25 -5.94
CA GLY A 76 5.24 -24.04 -6.76
C GLY A 76 3.82 -23.71 -7.15
N ASP A 77 3.04 -24.73 -7.48
CA ASP A 77 1.65 -24.54 -7.87
C ASP A 77 0.82 -24.02 -6.69
N VAL A 78 1.07 -24.56 -5.51
CA VAL A 78 0.42 -24.08 -4.29
C VAL A 78 0.68 -22.60 -4.11
N TYR A 79 1.96 -22.23 -4.15
CA TYR A 79 2.35 -20.85 -3.94
C TYR A 79 1.79 -19.93 -5.01
N PHE A 80 1.66 -20.45 -6.23
CA PHE A 80 1.11 -19.67 -7.34
C PHE A 80 -0.37 -19.39 -7.13
N ILE A 81 -1.12 -20.43 -6.76
CA ILE A 81 -2.55 -20.27 -6.47
C ILE A 81 -2.76 -19.29 -5.34
N ASN A 82 -1.96 -19.43 -4.28
CA ASN A 82 -2.08 -18.52 -3.14
C ASN A 82 -1.73 -17.09 -3.51
N LEU A 83 -0.74 -16.92 -4.38
CA LEU A 83 -0.36 -15.60 -4.85
C LEU A 83 -1.49 -14.96 -5.65
N ALA A 84 -2.08 -15.74 -6.55
CA ALA A 84 -3.19 -15.27 -7.38
C ALA A 84 -4.41 -14.95 -6.53
N ALA A 85 -4.57 -15.69 -5.43
CA ALA A 85 -5.68 -15.48 -4.52
C ALA A 85 -5.48 -14.18 -3.74
N ALA A 86 -4.26 -13.96 -3.28
CA ALA A 86 -3.92 -12.72 -2.59
C ALA A 86 -4.14 -11.53 -3.51
N ASP A 87 -3.70 -11.67 -4.75
CA ASP A 87 -3.83 -10.60 -5.74
C ASP A 87 -5.30 -10.33 -6.07
N LEU A 88 -6.09 -11.39 -6.20
CA LEU A 88 -7.52 -11.25 -6.46
C LEU A 88 -8.20 -10.53 -5.31
N LEU A 89 -7.89 -10.97 -4.10
CA LEU A 89 -8.44 -10.35 -2.90
C LEU A 89 -8.06 -8.87 -2.85
N PHE A 90 -6.87 -8.57 -3.31
CA PHE A 90 -6.38 -7.19 -3.31
C PHE A 90 -7.14 -6.33 -4.32
N VAL A 91 -7.22 -6.81 -5.56
CA VAL A 91 -7.82 -6.03 -6.64
C VAL A 91 -9.32 -5.89 -6.46
N CYS A 92 -9.93 -6.84 -5.77
CA CYS A 92 -11.38 -6.81 -5.57
C CYS A 92 -11.79 -5.74 -4.55
N THR A 93 -10.81 -5.19 -3.84
CA THR A 93 -11.06 -4.11 -2.89
C THR A 93 -11.06 -2.76 -3.60
N LEU A 94 -10.36 -2.69 -4.71
CA LEU A 94 -10.23 -1.45 -5.49
C LEU A 94 -11.55 -0.86 -6.01
N PRO A 95 -12.48 -1.69 -6.52
CA PRO A 95 -13.75 -1.07 -6.94
C PRO A 95 -14.47 -0.38 -5.80
N LEU A 96 -14.38 -0.96 -4.61
CA LEU A 96 -14.98 -0.37 -3.43
C LEU A 96 -14.31 0.96 -3.11
N TRP A 97 -13.00 1.02 -3.33
CA TRP A 97 -12.25 2.24 -3.05
C TRP A 97 -12.56 3.34 -4.07
N MET A 98 -12.83 2.94 -5.32
CA MET A 98 -13.22 3.89 -6.35
C MET A 98 -14.61 4.41 -6.06
N GLN A 99 -15.47 3.53 -5.56
CA GLN A 99 -16.79 3.93 -5.13
C GLN A 99 -16.68 4.88 -3.95
N TYR A 100 -15.63 4.70 -3.15
CA TYR A 100 -15.37 5.58 -2.01
C TYR A 100 -14.95 6.97 -2.49
N LEU A 101 -14.03 7.01 -3.45
CA LEU A 101 -13.51 8.27 -3.97
C LEU A 101 -14.60 9.18 -4.50
N LEU A 102 -15.63 8.59 -5.07
CA LEU A 102 -16.80 9.34 -5.53
C LEU A 102 -17.81 9.47 -4.41
N ASP A 103 -18.30 10.69 -4.19
CA ASP A 103 -19.29 11.01 -3.16
C ASP A 103 -18.77 10.79 -1.74
N HIS A 104 -17.46 10.62 -1.60
CA HIS A 104 -16.80 10.45 -0.31
C HIS A 104 -17.44 9.36 0.54
N ALA A 108 -22.14 6.46 -0.12
CA ALA A 108 -22.33 5.09 0.33
C ALA A 108 -21.44 4.77 1.52
N SER A 109 -21.97 4.02 2.48
CA SER A 109 -21.22 3.66 3.68
C SER A 109 -20.99 2.16 3.78
N VAL A 110 -19.74 1.77 3.66
CA VAL A 110 -19.29 0.38 3.79
C VAL A 110 -18.20 0.39 4.86
N PRO A 111 -18.10 -0.70 5.66
CA PRO A 111 -17.10 -0.70 6.74
C PRO A 111 -15.67 -0.42 6.30
N CYS A 112 -15.07 0.59 6.93
CA CYS A 112 -13.68 0.96 6.66
C CYS A 112 -12.73 -0.10 7.17
N THR A 113 -13.00 -0.58 8.38
CA THR A 113 -12.17 -1.56 9.05
C THR A 113 -11.92 -2.80 8.18
N LEU A 114 -13.01 -3.39 7.69
CA LEU A 114 -12.92 -4.62 6.93
C LEU A 114 -12.23 -4.42 5.58
N LEU A 115 -12.54 -3.32 4.91
CA LEU A 115 -11.98 -3.06 3.59
C LEU A 115 -10.47 -2.80 3.68
N THR A 116 -10.09 -2.00 4.67
CA THR A 116 -8.68 -1.72 4.91
C THR A 116 -7.96 -3.01 5.29
N ALA A 117 -8.65 -3.82 6.07
CA ALA A 117 -8.13 -5.12 6.50
C ALA A 117 -7.81 -5.98 5.30
N CYS A 118 -8.79 -6.20 4.43
CA CYS A 118 -8.60 -6.99 3.22
C CYS A 118 -7.49 -6.42 2.36
N PHE A 119 -7.47 -5.10 2.26
CA PHE A 119 -6.44 -4.37 1.51
C PHE A 119 -5.04 -4.78 1.96
N TYR A 120 -4.71 -4.45 3.20
CA TYR A 120 -3.36 -4.68 3.71
C TYR A 120 -3.01 -6.15 3.86
N VAL A 121 -3.98 -6.97 4.28
CA VAL A 121 -3.75 -8.41 4.41
C VAL A 121 -3.41 -9.02 3.06
N ALA A 122 -4.18 -8.67 2.03
CA ALA A 122 -3.92 -9.17 0.69
C ALA A 122 -2.57 -8.70 0.18
N MET A 123 -2.23 -7.44 0.45
CA MET A 123 -0.95 -6.90 0.02
C MET A 123 0.22 -7.66 0.64
N PHE A 124 0.24 -7.68 1.97
CA PHE A 124 1.30 -8.34 2.72
C PHE A 124 1.38 -9.83 2.38
N ALA A 125 0.24 -10.45 2.12
CA ALA A 125 0.20 -11.86 1.74
C ALA A 125 0.85 -12.04 0.38
N SER A 126 0.54 -11.13 -0.54
CA SER A 126 1.14 -11.15 -1.87
C SER A 126 2.65 -11.10 -1.76
N LEU A 127 3.15 -10.14 -0.99
CA LEU A 127 4.59 -10.00 -0.80
C LEU A 127 5.20 -11.25 -0.16
N CYS A 128 4.52 -11.78 0.85
CA CYS A 128 4.97 -12.96 1.57
C CYS A 128 5.13 -14.17 0.65
N PHE A 129 4.11 -14.44 -0.16
CA PHE A 129 4.16 -15.57 -1.07
C PHE A 129 5.18 -15.34 -2.18
N ILE A 130 5.34 -14.09 -2.59
CA ILE A 130 6.38 -13.73 -3.55
C ILE A 130 7.76 -14.11 -3.01
N THR A 131 7.99 -13.82 -1.73
CA THR A 131 9.22 -14.25 -1.07
C THR A 131 9.32 -15.77 -1.01
N GLU A 132 8.21 -16.42 -0.68
CA GLU A 132 8.16 -17.86 -0.51
C GLU A 132 8.46 -18.62 -1.80
N ILE A 133 8.13 -18.01 -2.94
CA ILE A 133 8.50 -18.58 -4.22
C ILE A 133 10.01 -18.72 -4.32
N ALA A 134 10.70 -17.60 -4.11
CA ALA A 134 12.15 -17.54 -4.14
C ALA A 134 12.76 -18.50 -3.14
N LEU A 135 12.18 -18.58 -1.95
CA LEU A 135 12.68 -19.49 -0.92
C LEU A 135 12.56 -20.95 -1.34
N ASP A 136 11.37 -21.34 -1.77
CA ASP A 136 11.10 -22.71 -2.19
C ASP A 136 12.04 -23.14 -3.30
N ARG A 137 12.16 -22.30 -4.32
CA ARG A 137 13.03 -22.63 -5.45
C ARG A 137 14.51 -22.60 -5.05
N TYR A 138 14.83 -21.77 -4.05
CA TYR A 138 16.20 -21.71 -3.53
C TYR A 138 16.60 -23.02 -2.87
N TYR A 139 15.78 -23.47 -1.93
CA TYR A 139 16.04 -24.73 -1.24
C TYR A 139 15.94 -25.91 -2.20
N ALA A 140 15.20 -25.72 -3.28
CA ALA A 140 15.05 -26.77 -4.29
C ALA A 140 16.32 -26.92 -5.13
N ILE A 141 16.88 -25.80 -5.55
CA ILE A 141 18.01 -25.83 -6.49
C ILE A 141 19.36 -26.10 -5.84
N VAL A 142 19.76 -25.24 -4.92
CA VAL A 142 21.11 -25.32 -4.35
C VAL A 142 21.24 -26.36 -3.26
N TYR A 143 20.44 -26.23 -2.20
CA TYR A 143 20.53 -27.13 -1.07
C TYR A 143 19.77 -28.43 -1.31
N MET A 144 19.09 -28.50 -2.45
CA MET A 144 18.36 -29.69 -2.87
C MET A 144 17.39 -30.21 -1.80
N ARG A 145 16.61 -29.30 -1.23
CA ARG A 145 15.54 -29.66 -0.31
C ARG A 145 14.19 -29.57 -1.01
N TYR A 146 13.42 -30.65 -0.96
CA TYR A 146 12.21 -30.77 -1.76
C TYR A 146 10.97 -30.93 -0.89
N ARG A 147 9.97 -30.08 -1.11
CA ARG A 147 8.77 -30.09 -0.29
C ARG A 147 7.55 -30.57 -1.08
N PRO A 148 6.82 -31.54 -0.51
CA PRO A 148 5.58 -32.02 -1.13
C PRO A 148 4.44 -31.02 -0.98
N VAL A 149 3.34 -31.25 -1.70
CA VAL A 149 2.21 -30.33 -1.71
C VAL A 149 1.64 -30.07 -0.32
N LYS A 150 1.57 -31.12 0.50
CA LYS A 150 1.09 -31.02 1.88
C LYS A 150 1.80 -29.91 2.66
N GLN A 151 3.12 -30.04 2.76
CA GLN A 151 3.95 -29.06 3.46
C GLN A 151 3.76 -27.66 2.89
N ALA A 152 3.60 -27.58 1.57
CA ALA A 152 3.37 -26.31 0.89
C ALA A 152 2.08 -25.66 1.37
N CYS A 153 1.01 -26.45 1.48
CA CYS A 153 -0.26 -25.94 1.99
C CYS A 153 -0.10 -25.46 3.43
N LEU A 154 0.61 -26.27 4.24
CA LEU A 154 0.89 -25.88 5.62
C LEU A 154 1.56 -24.50 5.70
N PHE A 155 2.67 -24.35 4.97
CA PHE A 155 3.42 -23.11 4.95
C PHE A 155 2.57 -21.96 4.43
N SER A 156 1.67 -22.24 3.49
CA SER A 156 0.77 -21.23 2.96
C SER A 156 -0.13 -20.70 4.07
N ILE A 157 -0.68 -21.62 4.87
CA ILE A 157 -1.47 -21.24 6.02
C ILE A 157 -0.67 -20.33 6.94
N PHE A 158 0.55 -20.78 7.27
CA PHE A 158 1.48 -19.99 8.07
C PHE A 158 1.63 -18.56 7.56
N TRP A 159 1.84 -18.45 6.25
CA TRP A 159 2.08 -17.16 5.61
C TRP A 159 0.84 -16.27 5.66
N TRP A 160 -0.34 -16.86 5.52
CA TRP A 160 -1.56 -16.08 5.60
C TRP A 160 -1.73 -15.52 7.01
N ILE A 161 -1.55 -16.38 8.02
CA ILE A 161 -1.67 -15.94 9.40
C ILE A 161 -0.68 -14.83 9.71
N PHE A 162 0.58 -15.04 9.33
CA PHE A 162 1.64 -14.06 9.51
C PHE A 162 1.32 -12.76 8.77
N ALA A 163 0.59 -12.89 7.67
CA ALA A 163 0.20 -11.72 6.89
C ALA A 163 -0.88 -10.95 7.62
N VAL A 164 -1.72 -11.65 8.38
CA VAL A 164 -2.75 -10.97 9.14
C VAL A 164 -2.17 -10.27 10.36
N ILE A 165 -1.26 -10.94 11.06
CA ILE A 165 -0.67 -10.34 12.26
C ILE A 165 0.22 -9.14 11.93
N ILE A 166 0.71 -9.06 10.69
CA ILE A 166 1.58 -7.96 10.30
C ILE A 166 0.75 -6.82 9.71
N ALA A 167 -0.52 -7.09 9.44
CA ALA A 167 -1.42 -6.10 8.89
C ALA A 167 -2.22 -5.43 9.99
N ILE A 168 -2.27 -6.06 11.15
CA ILE A 168 -3.00 -5.55 12.32
C ILE A 168 -2.77 -4.07 12.63
N PRO A 169 -1.49 -3.61 12.66
CA PRO A 169 -1.34 -2.19 13.00
C PRO A 169 -1.75 -1.24 11.88
N HIS A 170 -2.26 -1.77 10.78
CA HIS A 170 -2.63 -0.93 9.64
C HIS A 170 -4.14 -0.75 9.49
N PHE A 171 -4.93 -1.65 10.07
CA PHE A 171 -6.38 -1.55 9.92
C PHE A 171 -7.14 -1.51 11.25
N MET A 172 -6.48 -1.92 12.33
CA MET A 172 -7.12 -1.94 13.64
C MET A 172 -7.28 -0.53 14.22
N VAL A 173 -6.63 0.44 13.59
CA VAL A 173 -6.73 1.82 14.01
C VAL A 173 -7.72 2.59 13.14
N VAL A 174 -8.01 2.03 11.96
CA VAL A 174 -8.94 2.65 11.02
C VAL A 174 -10.38 2.46 11.45
N THR A 175 -11.12 3.56 11.56
CA THR A 175 -12.54 3.49 11.90
C THR A 175 -13.38 4.43 11.04
N LYS A 176 -14.68 4.17 11.01
CA LYS A 176 -15.61 4.98 10.22
C LYS A 176 -16.18 6.12 11.06
N LYS A 177 -15.87 7.35 10.65
CA LYS A 177 -16.39 8.53 11.34
C LYS A 177 -16.84 9.56 10.31
N ASP A 178 -18.06 10.05 10.49
CA ASP A 178 -18.67 11.01 9.57
C ASP A 178 -18.66 10.46 8.14
N ASN A 179 -18.98 9.18 8.01
CA ASN A 179 -18.96 8.46 6.74
C ASN A 179 -17.61 8.56 6.02
N GLN A 180 -16.54 8.66 6.80
CA GLN A 180 -15.20 8.71 6.24
C GLN A 180 -14.24 7.80 7.00
N CYS A 181 -13.36 7.14 6.27
CA CYS A 181 -12.35 6.27 6.86
C CYS A 181 -11.23 7.10 7.47
N MET A 182 -11.09 7.02 8.79
CA MET A 182 -10.11 7.85 9.48
C MET A 182 -9.28 7.09 10.51
N THR A 183 -8.06 7.57 10.70
CA THR A 183 -7.18 7.06 11.76
C THR A 183 -7.02 8.16 12.80
N ASP A 184 -7.66 7.97 13.96
CA ASP A 184 -7.62 8.97 15.01
C ASP A 184 -6.21 9.13 15.55
N TYR A 185 -5.49 10.13 15.04
CA TYR A 185 -4.10 10.34 15.41
C TYR A 185 -3.94 10.97 16.79
N ASP A 186 -4.91 11.81 17.17
CA ASP A 186 -4.86 12.49 18.45
C ASP A 186 -4.96 11.53 19.62
N TYR A 187 -5.61 10.39 19.39
CA TYR A 187 -5.76 9.38 20.43
C TYR A 187 -4.58 8.41 20.43
N LEU A 188 -3.72 8.54 19.42
CA LEU A 188 -2.52 7.71 19.34
C LEU A 188 -1.27 8.56 19.57
N GLU A 189 -0.15 7.91 19.86
CA GLU A 189 1.10 8.62 20.09
C GLU A 189 1.73 9.05 18.77
N VAL A 190 2.61 10.03 18.83
CA VAL A 190 3.22 10.62 17.64
C VAL A 190 4.19 9.65 16.96
N SER A 191 4.64 8.64 17.71
CA SER A 191 5.60 7.67 17.19
C SER A 191 4.94 6.67 16.25
N TYR A 192 3.62 6.56 16.34
CA TYR A 192 2.88 5.54 15.58
C TYR A 192 3.01 5.66 14.05
N PRO A 193 2.80 6.85 13.46
CA PRO A 193 2.90 6.89 11.99
C PRO A 193 4.32 6.59 11.50
N ILE A 194 5.31 7.00 12.29
CA ILE A 194 6.71 6.74 11.97
C ILE A 194 6.99 5.24 12.00
N ILE A 195 6.60 4.59 13.09
CA ILE A 195 6.79 3.15 13.24
C ILE A 195 6.06 2.39 12.13
N LEU A 196 4.88 2.88 11.77
CA LEU A 196 4.09 2.27 10.70
C LEU A 196 4.82 2.37 9.37
N ASN A 197 5.35 3.56 9.08
CA ASN A 197 6.10 3.78 7.85
C ASN A 197 7.35 2.92 7.79
N VAL A 198 8.03 2.77 8.93
CA VAL A 198 9.25 1.97 8.99
C VAL A 198 8.93 0.50 8.76
N GLU A 199 7.90 0.01 9.45
CA GLU A 199 7.46 -1.37 9.31
C GLU A 199 7.07 -1.66 7.87
N LEU A 200 6.43 -0.70 7.23
CA LEU A 200 6.02 -0.86 5.84
C LEU A 200 7.27 -0.90 4.95
N MET A 201 8.22 -0.01 5.23
CA MET A 201 9.42 0.12 4.41
C MET A 201 10.31 -1.11 4.45
N LEU A 202 10.58 -1.63 5.65
CA LEU A 202 11.45 -2.78 5.77
C LEU A 202 10.70 -4.08 5.51
N GLY A 203 9.45 -4.12 5.94
CA GLY A 203 8.66 -5.34 5.85
C GLY A 203 8.12 -5.64 4.47
N ALA A 204 7.79 -4.59 3.72
CA ALA A 204 7.20 -4.78 2.40
C ALA A 204 8.21 -4.65 1.27
N PHE A 205 9.33 -3.99 1.54
CA PHE A 205 10.30 -3.72 0.48
C PHE A 205 11.67 -4.33 0.75
N VAL A 206 12.30 -3.93 1.85
CA VAL A 206 13.67 -4.34 2.14
C VAL A 206 13.85 -5.85 2.27
N ILE A 207 13.10 -6.47 3.18
CA ILE A 207 13.28 -7.89 3.45
C ILE A 207 12.68 -8.83 2.38
N PRO A 208 11.70 -8.38 1.56
CA PRO A 208 11.42 -9.31 0.47
C PRO A 208 12.44 -9.20 -0.66
N LEU A 209 12.79 -7.98 -1.01
CA LEU A 209 13.73 -7.73 -2.10
C LEU A 209 15.09 -8.37 -1.82
N SER A 210 15.57 -8.22 -0.60
CA SER A 210 16.85 -8.81 -0.21
C SER A 210 16.84 -10.32 -0.38
N VAL A 211 15.78 -10.96 0.12
CA VAL A 211 15.66 -12.41 0.05
C VAL A 211 15.56 -12.92 -1.38
N ILE A 212 14.64 -12.37 -2.16
CA ILE A 212 14.47 -12.83 -3.53
C ILE A 212 15.73 -12.56 -4.37
N SER A 213 16.42 -11.47 -4.05
CA SER A 213 17.64 -11.12 -4.76
C SER A 213 18.74 -12.14 -4.45
N TYR A 214 18.93 -12.43 -3.17
CA TYR A 214 19.93 -13.40 -2.75
C TYR A 214 19.66 -14.77 -3.34
N CYS A 215 18.43 -15.24 -3.16
CA CYS A 215 18.00 -16.55 -3.65
C CYS A 215 18.22 -16.67 -5.16
N TYR A 216 17.66 -15.74 -5.91
CA TYR A 216 17.75 -15.80 -7.37
C TYR A 216 19.18 -15.58 -7.85
N TYR A 217 19.99 -14.91 -7.04
CA TYR A 217 21.40 -14.73 -7.37
C TYR A 217 22.14 -16.05 -7.26
N ARG A 218 21.89 -16.77 -6.17
CA ARG A 218 22.50 -18.08 -5.98
C ARG A 218 22.05 -19.06 -7.06
N ILE A 219 20.75 -19.11 -7.28
CA ILE A 219 20.18 -19.98 -8.30
C ILE A 219 20.76 -19.68 -9.68
N SER A 220 20.81 -18.40 -10.04
CA SER A 220 21.37 -17.99 -11.33
C SER A 220 22.85 -18.35 -11.43
N ARG A 221 23.56 -18.17 -10.33
CA ARG A 221 24.99 -18.44 -10.28
C ARG A 221 25.28 -19.92 -10.42
N ILE A 222 24.30 -20.75 -10.04
CA ILE A 222 24.46 -22.20 -10.19
C ILE A 222 24.06 -22.65 -11.59
N VAL A 223 22.96 -22.13 -12.11
CA VAL A 223 22.45 -22.56 -13.41
C VAL A 223 23.33 -22.03 -14.56
N ALA A 224 23.99 -20.89 -14.35
CA ALA A 224 24.84 -20.31 -15.38
C ALA A 224 26.02 -21.23 -15.71
N VAL A 225 26.43 -22.03 -14.73
CA VAL A 225 27.55 -22.94 -14.91
C VAL A 225 27.03 -24.38 -15.06
N SER A 226 25.71 -24.52 -15.06
CA SER A 226 25.09 -25.85 -15.13
C SER A 226 25.23 -26.49 -16.50
N GLN A 227 25.01 -27.80 -16.54
CA GLN A 227 25.16 -28.58 -17.76
C GLN A 227 24.05 -28.30 -18.77
N SER A 228 22.92 -27.81 -18.27
CA SER A 228 21.75 -27.56 -19.12
C SER A 228 22.09 -26.71 -20.34
N ARG A 229 21.57 -27.12 -21.49
CA ARG A 229 21.92 -26.47 -22.75
C ARG A 229 21.48 -25.01 -22.83
N HIS A 230 20.33 -24.70 -22.26
CA HIS A 230 19.77 -23.36 -22.40
C HIS A 230 19.32 -22.81 -21.05
N LYS A 231 20.27 -22.86 -20.13
CA LYS A 231 20.23 -22.21 -18.84
C LYS A 231 19.72 -20.77 -18.88
N GLY A 232 20.07 -20.06 -19.95
CA GLY A 232 19.82 -18.63 -20.08
C GLY A 232 18.44 -18.14 -19.73
N ARG A 233 17.41 -18.83 -20.24
CA ARG A 233 16.03 -18.38 -20.06
C ARG A 233 15.63 -18.33 -18.59
N ILE A 234 16.06 -19.33 -17.82
CA ILE A 234 15.85 -19.36 -16.38
C ILE A 234 16.32 -18.06 -15.72
N VAL A 235 17.59 -17.73 -15.97
CA VAL A 235 18.20 -16.51 -15.46
C VAL A 235 17.40 -15.29 -15.87
N ARG A 236 17.04 -15.21 -17.15
CA ARG A 236 16.26 -14.08 -17.64
C ARG A 236 14.93 -13.90 -16.90
N VAL A 237 14.25 -15.01 -16.65
CA VAL A 237 13.00 -15.02 -15.87
C VAL A 237 13.21 -14.43 -14.47
N LEU A 238 14.18 -14.98 -13.73
CA LEU A 238 14.46 -14.49 -12.38
C LEU A 238 14.84 -13.00 -12.36
N ILE A 239 15.78 -12.62 -13.22
CA ILE A 239 16.17 -11.23 -13.39
C ILE A 239 14.94 -10.36 -13.62
N ALA A 240 14.06 -10.79 -14.53
CA ALA A 240 12.84 -10.07 -14.81
C ALA A 240 12.02 -9.87 -13.53
N VAL A 241 11.85 -10.94 -12.74
CA VAL A 241 11.15 -10.86 -11.47
C VAL A 241 11.69 -9.72 -10.60
N VAL A 242 13.00 -9.78 -10.29
CA VAL A 242 13.63 -8.75 -9.47
C VAL A 242 13.44 -7.33 -10.02
N LEU A 243 13.84 -7.13 -11.27
CA LEU A 243 13.74 -5.83 -11.93
C LEU A 243 12.34 -5.24 -11.84
N VAL A 244 11.33 -6.02 -12.24
CA VAL A 244 9.95 -5.56 -12.15
C VAL A 244 9.59 -5.13 -10.73
N PHE A 245 9.87 -6.02 -9.77
CA PHE A 245 9.62 -5.70 -8.36
C PHE A 245 10.18 -4.32 -7.99
N ILE A 246 11.43 -4.07 -8.38
CA ILE A 246 12.05 -2.77 -8.13
C ILE A 246 11.33 -1.61 -8.82
N ILE A 247 11.20 -1.69 -10.14
CA ILE A 247 10.63 -0.58 -10.90
C ILE A 247 9.17 -0.31 -10.58
N PHE A 248 8.53 -1.20 -9.82
CA PHE A 248 7.16 -0.90 -9.39
C PHE A 248 7.02 -0.54 -7.90
N TRP A 249 7.92 -1.03 -7.05
CA TRP A 249 7.78 -0.76 -5.63
C TRP A 249 8.72 0.32 -5.09
N LEU A 250 9.88 0.48 -5.73
CA LEU A 250 10.90 1.43 -5.26
C LEU A 250 10.45 2.90 -5.21
N PRO A 251 9.72 3.39 -6.24
CA PRO A 251 9.29 4.79 -6.14
C PRO A 251 8.46 5.07 -4.89
N TYR A 252 7.47 4.21 -4.65
CA TYR A 252 6.58 4.35 -3.50
C TYR A 252 7.34 4.40 -2.18
N HIS A 253 8.18 3.39 -1.94
CA HIS A 253 8.93 3.30 -0.69
C HIS A 253 9.94 4.43 -0.56
N LEU A 254 10.49 4.85 -1.69
CA LEU A 254 11.48 5.94 -1.69
C LEU A 254 10.78 7.25 -1.33
N THR A 255 9.50 7.35 -1.67
CA THR A 255 8.70 8.48 -1.23
C THR A 255 8.38 8.36 0.27
N LEU A 256 8.04 7.14 0.68
CA LEU A 256 7.78 6.83 2.08
C LEU A 256 8.92 7.23 2.99
N PHE A 257 10.14 7.06 2.49
CA PHE A 257 11.34 7.34 3.26
C PHE A 257 11.44 8.82 3.60
N VAL A 258 11.28 9.68 2.59
CA VAL A 258 11.38 11.12 2.82
C VAL A 258 10.17 11.62 3.59
N ASP A 259 9.03 10.95 3.44
CA ASP A 259 7.85 11.29 4.24
C ASP A 259 8.15 11.03 5.72
N THR A 260 8.75 9.87 5.99
CA THR A 260 9.16 9.51 7.35
C THR A 260 10.17 10.51 7.87
N LEU A 261 11.07 10.95 6.99
CA LEU A 261 12.06 11.96 7.34
C LEU A 261 11.40 13.27 7.71
N LYS A 262 10.24 13.54 7.09
CA LYS A 262 9.47 14.73 7.44
C LYS A 262 8.83 14.56 8.82
N LEU A 263 8.25 13.38 9.04
CA LEU A 263 7.62 13.07 10.33
C LEU A 263 8.66 12.99 11.46
N LEU A 264 9.87 12.58 11.11
CA LEU A 264 10.93 12.42 12.08
C LEU A 264 11.59 13.75 12.42
N LYS A 265 11.12 14.81 11.76
CA LYS A 265 11.63 16.16 11.93
C LYS A 265 13.10 16.27 11.55
N TRP A 266 13.58 15.33 10.75
CA TRP A 266 14.98 15.35 10.30
C TRP A 266 15.17 16.38 9.19
N ILE A 267 14.10 16.62 8.44
CA ILE A 267 14.11 17.65 7.40
C ILE A 267 12.98 18.65 7.63
N SER A 268 13.12 19.84 7.07
CA SER A 268 12.12 20.89 7.22
C SER A 268 11.10 20.83 6.08
N SER A 269 9.84 21.11 6.41
CA SER A 269 8.77 21.04 5.41
C SER A 269 8.01 22.35 5.29
N SER A 270 7.80 22.78 4.05
CA SER A 270 6.93 23.91 3.77
C SER A 270 5.59 23.38 3.27
N CYS A 271 4.61 24.27 3.16
CA CYS A 271 3.29 23.90 2.67
C CYS A 271 3.38 23.28 1.27
N GLU A 272 4.16 23.93 0.41
CA GLU A 272 4.40 23.44 -0.94
C GLU A 272 5.07 22.07 -0.94
N PHE A 273 6.03 21.88 -0.04
CA PHE A 273 6.74 20.61 0.06
C PHE A 273 5.82 19.50 0.53
N GLU A 274 4.97 19.80 1.50
CA GLU A 274 4.00 18.83 2.01
C GLU A 274 3.01 18.46 0.91
N ARG A 275 2.66 19.45 0.10
CA ARG A 275 1.77 19.20 -1.05
C ARG A 275 2.42 18.26 -2.07
N SER A 276 3.63 18.60 -2.50
CA SER A 276 4.38 17.81 -3.47
C SER A 276 4.58 16.38 -2.97
N LEU A 277 4.92 16.27 -1.69
CA LEU A 277 5.10 14.97 -1.05
C LEU A 277 3.82 14.16 -1.04
N LYS A 278 2.69 14.83 -0.78
CA LYS A 278 1.39 14.19 -0.80
C LYS A 278 1.08 13.62 -2.19
N ARG A 279 1.24 14.47 -3.20
CA ARG A 279 0.99 14.07 -4.58
C ARG A 279 1.87 12.87 -4.97
N ALA A 280 3.15 12.97 -4.65
CA ALA A 280 4.11 11.90 -4.92
C ALA A 280 3.67 10.59 -4.27
N LEU A 281 3.30 10.67 -2.99
CA LEU A 281 2.81 9.51 -2.24
C LEU A 281 1.63 8.85 -2.94
N ILE A 282 0.60 9.65 -3.24
CA ILE A 282 -0.58 9.13 -3.91
C ILE A 282 -0.25 8.44 -5.24
N LEU A 283 0.41 9.18 -6.13
CA LEU A 283 0.73 8.68 -7.46
C LEU A 283 1.55 7.39 -7.42
N THR A 284 2.67 7.43 -6.69
CA THR A 284 3.55 6.27 -6.62
C THR A 284 2.86 5.07 -5.98
N GLU A 285 2.02 5.35 -4.98
CA GLU A 285 1.24 4.29 -4.35
C GLU A 285 0.34 3.61 -5.37
N SER A 286 -0.29 4.41 -6.22
CA SER A 286 -1.11 3.87 -7.29
C SER A 286 -0.26 3.07 -8.27
N LEU A 287 0.97 3.51 -8.47
CA LEU A 287 1.89 2.82 -9.37
C LEU A 287 2.23 1.42 -8.86
N ALA A 288 2.44 1.31 -7.56
CA ALA A 288 2.85 0.04 -6.95
C ALA A 288 1.79 -1.05 -7.08
N PHE A 289 0.56 -0.65 -7.38
CA PHE A 289 -0.55 -1.60 -7.41
C PHE A 289 -0.59 -2.45 -8.68
N CYS A 290 0.15 -2.06 -9.70
CA CYS A 290 0.13 -2.78 -10.98
C CYS A 290 0.97 -4.05 -10.92
N HIS A 291 1.79 -4.15 -9.87
CA HIS A 291 2.69 -5.27 -9.70
C HIS A 291 1.92 -6.58 -9.61
N CYS A 292 0.76 -6.53 -8.95
CA CYS A 292 -0.09 -7.71 -8.81
C CYS A 292 -0.70 -8.10 -10.15
N CYS A 293 -0.78 -7.13 -11.07
CA CYS A 293 -1.22 -7.42 -12.43
C CYS A 293 -0.09 -8.05 -13.22
N LEU A 294 1.14 -7.69 -12.85
CA LEU A 294 2.31 -8.25 -13.53
C LEU A 294 2.67 -9.63 -13.01
N ASN A 295 2.19 -9.98 -11.82
CA ASN A 295 2.49 -11.28 -11.21
C ASN A 295 2.07 -12.51 -12.03
N PRO A 296 0.89 -12.49 -12.67
CA PRO A 296 0.56 -13.67 -13.51
C PRO A 296 1.54 -13.89 -14.64
N LEU A 297 2.09 -12.82 -15.21
CA LEU A 297 3.00 -12.94 -16.33
C LEU A 297 4.43 -13.25 -15.90
N LEU A 298 4.67 -13.24 -14.60
CA LEU A 298 6.02 -13.40 -14.08
C LEU A 298 6.34 -14.81 -13.61
N TYR A 299 5.31 -15.60 -13.31
CA TYR A 299 5.53 -16.93 -12.76
C TYR A 299 4.75 -18.00 -13.51
N VAL A 300 3.45 -17.78 -13.69
CA VAL A 300 2.57 -18.79 -14.27
C VAL A 300 2.51 -18.72 -15.79
N PHE A 301 2.41 -17.50 -16.32
CA PHE A 301 2.29 -17.29 -17.76
C PHE A 301 3.62 -17.41 -18.50
N VAL A 302 4.71 -17.36 -17.73
CA VAL A 302 6.06 -17.27 -18.30
C VAL A 302 6.37 -18.34 -19.36
N GLY A 303 5.77 -19.53 -19.23
CA GLY A 303 5.91 -20.55 -20.25
C GLY A 303 6.42 -21.89 -19.77
N THR A 304 7.08 -22.62 -20.67
CA THR A 304 7.56 -23.97 -20.39
C THR A 304 8.61 -24.01 -19.28
N LYS A 305 8.74 -25.17 -18.64
CA LYS A 305 9.67 -25.34 -17.54
C LYS A 305 11.09 -25.66 -18.02
N PHE A 306 11.88 -24.62 -18.22
CA PHE A 306 13.30 -24.80 -18.52
C PHE A 306 14.03 -25.18 -17.24
N ARG A 307 13.36 -24.95 -16.12
CA ARG A 307 13.92 -25.24 -14.81
C ARG A 307 13.77 -26.71 -14.44
N GLN A 308 12.81 -27.38 -15.06
CA GLN A 308 12.56 -28.79 -14.78
C GLN A 308 13.61 -29.67 -15.45
N GLU A 309 14.09 -29.22 -16.60
CA GLU A 309 15.17 -29.93 -17.29
C GLU A 309 16.45 -29.84 -16.44
N LEU A 310 16.74 -28.64 -15.97
CA LEU A 310 17.85 -28.42 -15.04
C LEU A 310 17.67 -29.24 -13.78
N HIS A 311 16.39 -29.41 -13.40
CA HIS A 311 16.00 -30.17 -12.22
C HIS A 311 16.39 -31.63 -12.39
N CYS A 312 16.14 -32.17 -13.59
CA CYS A 312 16.51 -33.55 -13.90
C CYS A 312 18.02 -33.69 -14.03
N LEU A 313 18.67 -32.63 -14.49
CA LEU A 313 20.12 -32.63 -14.69
C LEU A 313 20.88 -32.61 -13.37
N LEU A 314 20.32 -31.90 -12.39
CA LEU A 314 20.97 -31.73 -11.08
C LEU A 314 20.87 -32.99 -10.23
N ALA A 315 19.94 -33.88 -10.60
CA ALA A 315 19.75 -35.13 -9.89
C ALA A 315 20.76 -36.18 -10.34
N GLU A 316 22.03 -35.78 -10.40
CA GLU A 316 23.10 -36.67 -10.82
C GLU A 316 24.46 -36.10 -10.44
N PCA B 1 -6.29 4.13 6.33
CA PCA B 1 -6.19 3.55 4.99
CB PCA B 1 -7.40 3.95 4.14
CG PCA B 1 -8.08 5.08 4.88
CD PCA B 1 -7.42 5.06 6.22
OE PCA B 1 -7.83 5.74 7.16
C PCA B 1 -4.94 4.01 4.28
O PCA B 1 -4.00 4.49 4.92
N HIS B 2 -4.92 3.87 2.96
CA HIS B 2 -3.77 4.28 2.17
C HIS B 2 -3.90 5.73 1.71
N HIS B 3 -2.90 6.20 0.97
CA HIS B 3 -2.82 7.61 0.59
C HIS B 3 -3.70 7.97 -0.60
N GLY B 4 -3.86 7.04 -1.54
CA GLY B 4 -4.70 7.26 -2.69
C GLY B 4 -6.13 7.57 -2.30
N VAL B 5 -6.56 6.98 -1.20
CA VAL B 5 -7.88 7.24 -0.65
C VAL B 5 -7.77 8.16 0.56
N THR B 6 -8.09 9.43 0.36
CA THR B 6 -8.02 10.42 1.43
C THR B 6 -8.89 11.63 1.13
N LYS B 7 -9.75 11.99 2.08
CA LYS B 7 -10.62 13.14 1.91
C LYS B 7 -10.17 14.28 2.81
N CYS B 8 -8.94 14.20 3.30
CA CYS B 8 -8.37 15.25 4.14
C CYS B 8 -7.57 16.24 3.30
N ASN B 9 -7.94 17.52 3.37
CA ASN B 9 -7.27 18.55 2.59
C ASN B 9 -6.71 19.68 3.44
N ILE B 10 -6.95 19.63 4.73
CA ILE B 10 -6.47 20.67 5.63
C ILE B 10 -5.58 20.11 6.72
N THR B 11 -4.37 20.65 6.82
CA THR B 11 -3.44 20.28 7.87
C THR B 11 -2.99 21.52 8.62
N CYS B 12 -3.09 21.47 9.95
CA CYS B 12 -2.73 22.62 10.78
C CYS B 12 -1.42 22.38 11.53
N SER B 13 -0.56 23.39 11.52
CA SER B 13 0.71 23.31 12.24
C SER B 13 0.62 24.03 13.57
N LYS B 14 -0.04 25.18 13.58
CA LYS B 14 -0.20 25.97 14.79
C LYS B 14 -1.65 26.43 14.97
N MET B 15 -1.90 27.16 16.05
CA MET B 15 -3.25 27.63 16.36
C MET B 15 -3.28 29.13 16.64
N THR B 16 -4.38 29.79 16.29
CA THR B 16 -4.59 31.18 16.62
C THR B 16 -5.17 31.27 18.04
N SER B 17 -4.83 32.32 18.76
CA SER B 17 -4.99 32.31 20.22
C SER B 17 -6.28 32.91 20.78
N LYS B 18 -6.65 34.12 20.37
CA LYS B 18 -7.70 34.82 21.11
C LYS B 18 -8.66 35.74 20.36
N ILE B 19 -8.17 36.50 19.39
CA ILE B 19 -8.96 37.60 18.84
C ILE B 19 -9.03 37.64 17.32
N PRO B 20 -10.09 38.26 16.77
CA PRO B 20 -11.28 38.80 17.43
C PRO B 20 -12.56 38.00 17.12
N VAL B 21 -13.68 38.46 17.66
CA VAL B 21 -14.95 37.75 17.50
C VAL B 21 -15.81 38.38 16.40
N ALA B 22 -15.32 39.44 15.78
CA ALA B 22 -16.11 40.20 14.81
C ALA B 22 -15.57 40.11 13.39
N LEU B 23 -14.30 39.74 13.24
CA LEU B 23 -13.66 39.72 11.94
C LEU B 23 -14.11 38.54 11.09
N LEU B 24 -14.71 37.54 11.73
CA LEU B 24 -15.09 36.31 11.03
C LEU B 24 -16.34 36.48 10.16
N ILE B 25 -16.31 35.87 8.98
CA ILE B 25 -17.48 35.86 8.11
C ILE B 25 -18.02 34.43 7.97
N HIS B 26 -17.13 33.45 8.05
CA HIS B 26 -17.57 32.06 7.98
C HIS B 26 -16.57 31.11 8.62
N TYR B 27 -16.99 29.91 8.98
CA TYR B 27 -16.08 28.92 9.52
C TYR B 27 -16.41 27.51 9.03
N GLN B 28 -15.37 26.70 8.86
CA GLN B 28 -15.53 25.34 8.35
C GLN B 28 -14.95 24.32 9.32
N GLN B 29 -15.68 23.22 9.51
CA GLN B 29 -15.22 22.13 10.35
C GLN B 29 -14.24 21.26 9.56
N ASN B 30 -13.15 20.85 10.22
CA ASN B 30 -12.13 20.03 9.56
C ASN B 30 -12.68 18.66 9.17
N GLN B 31 -12.14 18.12 8.08
CA GLN B 31 -12.58 16.82 7.56
C GLN B 31 -12.33 15.70 8.56
N ALA B 32 -13.17 14.67 8.52
CA ALA B 32 -13.03 13.53 9.41
C ALA B 32 -11.80 12.70 9.03
N SER B 33 -11.50 12.66 7.74
CA SER B 33 -10.39 11.87 7.21
C SER B 33 -9.03 12.34 7.72
N CYS B 34 -8.99 13.55 8.28
CA CYS B 34 -7.75 14.10 8.81
C CYS B 34 -7.35 13.43 10.11
N GLY B 35 -8.34 13.10 10.95
CA GLY B 35 -8.09 12.48 12.22
C GLY B 35 -7.54 13.44 13.25
N LYS B 36 -7.67 14.72 12.97
CA LYS B 36 -7.18 15.77 13.87
C LYS B 36 -8.25 16.83 14.11
N ARG B 37 -8.69 16.94 15.36
CA ARG B 37 -9.73 17.90 15.72
C ARG B 37 -9.22 19.34 15.60
N ALA B 38 -9.78 20.07 14.63
CA ALA B 38 -9.40 21.46 14.40
C ALA B 38 -10.51 22.24 13.74
N ILE B 39 -10.50 23.56 13.91
CA ILE B 39 -11.51 24.42 13.32
C ILE B 39 -10.86 25.40 12.34
N ILE B 40 -11.51 25.61 11.20
CA ILE B 40 -11.00 26.53 10.19
C ILE B 40 -11.81 27.82 10.20
N LEU B 41 -11.12 28.95 10.26
CA LEU B 41 -11.79 30.25 10.36
C LEU B 41 -11.50 31.14 9.16
N GLU B 42 -12.57 31.52 8.46
CA GLU B 42 -12.48 32.49 7.36
C GLU B 42 -12.99 33.85 7.81
N THR B 43 -12.05 34.80 7.92
CA THR B 43 -12.32 36.15 8.39
C THR B 43 -12.87 37.05 7.28
N ARG B 44 -13.09 38.31 7.62
CA ARG B 44 -13.58 39.29 6.65
C ARG B 44 -12.50 39.64 5.63
N GLN B 45 -11.25 39.34 5.97
CA GLN B 45 -10.12 39.59 5.09
C GLN B 45 -9.92 38.44 4.10
N HIS B 46 -10.89 37.52 4.10
CA HIS B 46 -10.85 36.32 3.26
C HIS B 46 -9.62 35.45 3.54
N ARG B 47 -9.05 35.60 4.73
CA ARG B 47 -7.90 34.80 5.14
C ARG B 47 -8.35 33.65 6.04
N LEU B 48 -7.71 32.50 5.86
CA LEU B 48 -8.04 31.30 6.64
C LEU B 48 -7.06 31.11 7.79
N PHE B 49 -7.56 30.58 8.90
CA PHE B 49 -6.70 30.33 10.07
C PHE B 49 -7.13 29.11 10.87
N CYS B 50 -6.16 28.44 11.49
CA CYS B 50 -6.44 27.27 12.31
C CYS B 50 -6.72 27.65 13.76
N ALA B 51 -7.73 27.02 14.35
CA ALA B 51 -8.09 27.28 15.74
C ALA B 51 -8.45 25.99 16.46
N ASP B 52 -7.87 25.79 17.64
CA ASP B 52 -8.15 24.61 18.46
C ASP B 52 -9.60 24.61 18.93
N PRO B 53 -10.32 23.49 18.67
CA PRO B 53 -11.74 23.38 18.98
C PRO B 53 -12.03 23.43 20.48
N LYS B 54 -11.12 22.88 21.29
CA LYS B 54 -11.31 22.85 22.74
C LYS B 54 -10.82 24.14 23.39
N GLU B 55 -11.29 25.28 22.89
CA GLU B 55 -10.96 26.58 23.46
C GLU B 55 -12.22 27.33 23.87
N GLN B 56 -12.13 28.00 25.02
CA GLN B 56 -13.28 28.69 25.61
C GLN B 56 -13.82 29.78 24.69
N TRP B 57 -12.94 30.42 23.95
CA TRP B 57 -13.31 31.53 23.08
C TRP B 57 -13.85 31.04 21.73
N VAL B 58 -13.41 29.85 21.32
CA VAL B 58 -13.87 29.26 20.07
C VAL B 58 -15.35 28.94 20.13
N LYS B 59 -15.76 28.31 21.23
CA LYS B 59 -17.15 27.96 21.45
C LYS B 59 -18.03 29.20 21.50
N ASP B 60 -17.41 30.34 21.80
CA ASP B 60 -18.13 31.60 21.86
C ASP B 60 -18.13 32.33 20.51
N ALA B 61 -17.17 31.98 19.65
CA ALA B 61 -17.10 32.56 18.31
C ALA B 61 -18.08 31.87 17.38
N MET B 62 -18.06 30.54 17.43
CA MET B 62 -18.99 29.73 16.63
C MET B 62 -20.45 30.09 16.93
N GLN B 63 -20.70 30.56 18.14
CA GLN B 63 -22.02 31.00 18.55
C GLN B 63 -22.47 32.21 17.72
N HIS B 64 -21.68 33.28 17.78
CA HIS B 64 -21.99 34.48 17.02
C HIS B 64 -22.07 34.19 15.52
N LEU B 65 -21.15 33.36 15.01
CA LEU B 65 -21.19 33.03 13.60
C LEU B 65 -22.45 32.27 13.19
N ASP B 66 -22.80 31.25 13.96
CA ASP B 66 -23.96 30.42 13.65
C ASP B 66 -25.27 31.19 13.78
N ARG B 67 -25.31 32.11 14.76
CA ARG B 67 -26.51 32.91 14.99
C ARG B 67 -26.69 34.00 13.94
N GLN B 68 -25.59 34.59 13.51
CA GLN B 68 -25.64 35.68 12.52
C GLN B 68 -25.96 35.17 11.12
N ALA B 69 -25.01 34.46 10.52
CA ALA B 69 -25.17 33.96 9.16
C ALA B 69 -25.08 32.44 9.12
C1 NAG C . -11.71 20.66 1.88
C2 NAG C . -11.95 22.09 1.40
C3 NAG C . -13.44 22.41 1.37
C4 NAG C . -14.17 21.39 0.52
C5 NAG C . -13.93 19.98 1.07
C6 NAG C . -14.50 18.88 0.20
C7 NAG C . -10.88 24.26 1.80
C8 NAG C . -10.16 25.12 2.79
N2 NAG C . -11.25 23.05 2.23
O3 NAG C . -13.63 23.71 0.84
O4 NAG C . -15.54 21.75 0.40
O5 NAG C . -12.52 19.74 1.12
O6 NAG C . -15.79 19.19 -0.32
O7 NAG C . -11.13 24.64 0.66
C1 NAG C . -16.44 21.49 1.48
C2 NAG C . -17.40 22.67 1.69
C3 NAG C . -18.56 22.31 2.62
C4 NAG C . -19.21 20.99 2.21
C5 NAG C . -18.13 19.93 2.11
C6 NAG C . -18.63 18.57 1.70
C7 NAG C . -16.27 24.84 1.43
C8 NAG C . -15.57 25.96 2.15
N2 NAG C . -16.69 23.83 2.20
O3 NAG C . -19.50 23.36 2.57
O4 NAG C . -20.13 20.53 3.19
O5 NAG C . -17.16 20.34 1.14
O6 NAG C . -18.52 17.64 2.78
O7 NAG C . -16.43 24.84 0.22
C1 NAG C . -21.40 21.19 3.32
C2 NAG C . -22.51 20.56 2.44
C3 NAG C . -23.90 21.08 2.85
C4 NAG C . -24.11 20.99 4.36
C5 NAG C . -22.97 21.72 5.04
C6 NAG C . -23.06 21.70 6.55
C7 NAG C . -21.81 19.95 0.17
C8 NAG C . -21.62 20.43 -1.24
N2 NAG C . -22.27 20.85 1.03
O3 NAG C . -24.90 20.30 2.18
O4 NAG C . -25.35 21.59 4.72
O5 NAG C . -21.75 21.08 4.69
O6 NAG C . -22.87 22.99 7.10
O7 NAG C . -21.53 18.80 0.49
C1 UNL D . 8.16 -22.17 11.61
C2 UNL D . 6.96 -21.25 11.54
C3 UNL D . 7.09 -20.16 12.61
C4 UNL D . 6.02 -19.13 12.38
C5 UNL D . 6.24 -18.02 13.38
C6 UNL D . 5.23 -16.95 13.06
C7 UNL D . 5.40 -15.88 14.10
C8 UNL D . 4.31 -14.89 13.85
C9 UNL D . 4.37 -13.91 14.99
P PO4 E . 17.10 -19.95 -25.76
O1 PO4 E . 16.21 -19.02 -26.54
O2 PO4 E . 18.43 -20.09 -26.46
O3 PO4 E . 17.32 -19.40 -24.38
O4 PO4 E . 16.43 -21.31 -25.66
#